data_1N2G
#
_entry.id   1N2G
#
_cell.length_a   48.308
_cell.length_b   70.913
_cell.length_c   81.875
_cell.angle_alpha   90.00
_cell.angle_beta   99.31
_cell.angle_gamma   90.00
#
_symmetry.space_group_name_H-M   'P 1 21 1'
#
loop_
_entity.id
_entity.type
_entity.pdbx_description
1 polymer 'Pantothenate synthetase'
2 non-polymer 'SULFATE ION'
3 non-polymer 'MAGNESIUM ION'
4 non-polymer 'DIPHOSPHOMETHYLPHOSPHONIC ACID ADENOSYL ESTER'
5 non-polymer GLYCEROL
6 non-polymer ETHANOL
7 water water
#
_entity_poly.entity_id   1
_entity_poly.type   'polypeptide(L)'
_entity_poly.pdbx_seq_one_letter_code
;MAIPAFHPGELNVYSAPGDVADVSRALRLTGRRVMLVPTMGALHEGHLALVRAAKRVPGSVVVVSIFVNPMQFGAGGDLD
AYPRTPDDDLAQLRAEGVEIAFTPTTAAMYPDGLRTTVQPGPLAAELEGGPRPTHFAGVLTVVLKLLQIVRPDRVFFGEK
DYQQLVLIRQLVADFNLDVAVVGVPTVREADGLAMSSRNRYLDPAQRAAAVALSAALTAAAHAATAGAQAALDAARAVLD
AAPGVAVDYLELRDIGLGPMPLNGSGRLLVAARLGTTRLLDNIAIEIGTFAGTDRPDGYR
;
_entity_poly.pdbx_strand_id   A,B
#
# COMPACT_ATOMS: atom_id res chain seq x y z
N ILE A 3 -11.05 9.76 -21.31
CA ILE A 3 -10.85 11.19 -21.72
C ILE A 3 -9.81 11.34 -22.84
N PRO A 4 -8.53 11.08 -22.55
CA PRO A 4 -7.49 11.22 -23.59
C PRO A 4 -7.71 10.30 -24.78
N ALA A 5 -7.04 10.61 -25.88
CA ALA A 5 -7.17 9.81 -27.09
C ALA A 5 -6.30 8.56 -27.05
N PHE A 6 -6.87 7.45 -27.53
CA PHE A 6 -6.16 6.18 -27.62
C PHE A 6 -6.27 5.62 -29.03
N HIS A 7 -5.16 5.59 -29.74
CA HIS A 7 -5.12 5.06 -31.09
C HIS A 7 -4.65 3.61 -31.08
N PRO A 8 -5.58 2.66 -31.27
CA PRO A 8 -5.21 1.24 -31.26
C PRO A 8 -4.18 0.90 -32.36
N GLY A 9 -3.35 -0.08 -32.07
CA GLY A 9 -2.34 -0.48 -33.02
C GLY A 9 -1.14 0.44 -33.03
N GLU A 10 -1.24 1.57 -32.33
CA GLU A 10 -0.13 2.52 -32.28
C GLU A 10 0.40 2.73 -30.86
N LEU A 11 1.60 3.27 -30.74
CA LEU A 11 2.15 3.52 -29.42
C LEU A 11 1.56 4.85 -28.96
N ASN A 12 0.87 4.82 -27.82
CA ASN A 12 0.25 5.99 -27.23
C ASN A 12 1.06 6.31 -25.98
N VAL A 13 1.64 7.51 -25.93
CA VAL A 13 2.45 7.90 -24.78
C VAL A 13 1.71 8.87 -23.86
N TYR A 14 1.58 8.53 -22.58
CA TYR A 14 0.90 9.42 -21.64
C TYR A 14 1.83 9.71 -20.47
N SER A 15 1.88 10.96 -20.04
CA SER A 15 2.74 11.29 -18.93
C SER A 15 1.91 11.51 -17.67
N ALA A 16 0.69 11.98 -17.83
CA ALA A 16 -0.16 12.23 -16.66
C ALA A 16 -0.79 10.96 -16.09
N PRO A 17 -0.61 10.72 -14.78
CA PRO A 17 -1.19 9.52 -14.16
C PRO A 17 -2.68 9.40 -14.46
N GLY A 18 -3.39 10.53 -14.36
CA GLY A 18 -4.81 10.54 -14.63
C GLY A 18 -5.15 10.09 -16.05
N ASP A 19 -4.32 10.48 -17.02
CA ASP A 19 -4.59 10.07 -18.40
C ASP A 19 -4.48 8.55 -18.58
N VAL A 20 -3.39 7.95 -18.11
CA VAL A 20 -3.26 6.51 -18.28
C VAL A 20 -4.29 5.76 -17.45
N ALA A 21 -4.70 6.36 -16.33
CA ALA A 21 -5.69 5.74 -15.46
C ALA A 21 -7.04 5.70 -16.19
N ASP A 22 -7.41 6.82 -16.80
CA ASP A 22 -8.68 6.89 -17.54
C ASP A 22 -8.68 5.93 -18.73
N VAL A 23 -7.58 5.91 -19.49
CA VAL A 23 -7.47 5.05 -20.66
C VAL A 23 -7.48 3.58 -20.28
N SER A 24 -6.73 3.22 -19.24
CA SER A 24 -6.71 1.83 -18.80
C SER A 24 -8.11 1.37 -18.41
N ARG A 25 -8.79 2.21 -17.64
CA ARG A 25 -10.14 1.92 -17.15
C ARG A 25 -11.08 1.73 -18.33
N ALA A 26 -11.02 2.64 -19.29
CA ALA A 26 -11.86 2.56 -20.47
C ALA A 26 -11.59 1.24 -21.18
N LEU A 27 -10.31 0.94 -21.43
CA LEU A 27 -9.95 -0.31 -22.10
C LEU A 27 -10.45 -1.52 -21.34
N ARG A 28 -10.24 -1.49 -20.03
CA ARG A 28 -10.65 -2.59 -19.19
C ARG A 28 -12.18 -2.79 -19.29
N LEU A 29 -12.91 -1.70 -19.40
CA LEU A 29 -14.36 -1.78 -19.50
C LEU A 29 -14.84 -2.41 -20.80
N THR A 30 -14.05 -2.30 -21.86
CA THR A 30 -14.43 -2.88 -23.13
C THR A 30 -14.09 -4.35 -23.21
N GLY A 31 -13.44 -4.88 -22.18
CA GLY A 31 -13.10 -6.30 -22.18
C GLY A 31 -11.64 -6.66 -22.35
N ARG A 32 -10.84 -5.70 -22.77
CA ARG A 32 -9.42 -5.99 -22.96
C ARG A 32 -8.71 -6.05 -21.60
N ARG A 33 -7.82 -7.03 -21.47
CA ARG A 33 -7.08 -7.22 -20.23
C ARG A 33 -5.79 -6.40 -20.23
N VAL A 34 -5.61 -5.60 -19.19
CA VAL A 34 -4.46 -4.71 -19.11
C VAL A 34 -3.23 -5.38 -18.49
N MET A 35 -2.12 -5.33 -19.22
CA MET A 35 -0.86 -5.91 -18.75
C MET A 35 0.07 -4.77 -18.41
N LEU A 36 0.78 -4.87 -17.29
CA LEU A 36 1.70 -3.81 -16.88
C LEU A 36 3.13 -4.33 -16.78
N VAL A 37 4.07 -3.64 -17.43
CA VAL A 37 5.49 -4.00 -17.38
C VAL A 37 6.21 -2.75 -16.83
N PRO A 38 6.51 -2.73 -15.53
CA PRO A 38 7.21 -1.60 -14.90
C PRO A 38 8.69 -1.64 -15.21
N THR A 39 9.22 -0.52 -15.73
CA THR A 39 10.65 -0.45 -16.04
C THR A 39 11.19 0.93 -15.66
N MET A 40 12.51 1.06 -15.67
CA MET A 40 13.15 2.34 -15.40
C MET A 40 13.84 2.79 -16.69
N GLY A 41 13.29 2.35 -17.82
CA GLY A 41 13.87 2.71 -19.11
C GLY A 41 15.18 2.04 -19.47
N ALA A 42 15.86 2.55 -20.51
CA ALA A 42 17.13 1.98 -20.97
C ALA A 42 16.85 0.50 -21.25
N LEU A 43 15.84 0.29 -22.08
CA LEU A 43 15.37 -1.03 -22.45
C LEU A 43 16.32 -1.86 -23.29
N HIS A 44 16.44 -3.13 -22.93
CA HIS A 44 17.25 -4.08 -23.66
C HIS A 44 16.45 -5.38 -23.83
N GLU A 45 17.06 -6.39 -24.45
CA GLU A 45 16.39 -7.65 -24.70
C GLU A 45 15.71 -8.26 -23.48
N GLY A 46 16.27 -8.03 -22.30
CA GLY A 46 15.67 -8.56 -21.08
C GLY A 46 14.29 -7.93 -20.88
N HIS A 47 14.19 -6.62 -21.08
CA HIS A 47 12.90 -5.95 -20.93
C HIS A 47 11.93 -6.45 -22.00
N LEU A 48 12.45 -6.69 -23.20
CA LEU A 48 11.58 -7.12 -24.29
C LEU A 48 10.93 -8.48 -24.04
N ALA A 49 11.61 -9.33 -23.26
CA ALA A 49 11.05 -10.63 -22.92
C ALA A 49 9.81 -10.39 -22.06
N LEU A 50 9.88 -9.42 -21.15
CA LEU A 50 8.73 -9.09 -20.31
C LEU A 50 7.60 -8.59 -21.19
N VAL A 51 7.93 -7.66 -22.10
CA VAL A 51 6.94 -7.11 -23.00
C VAL A 51 6.27 -8.23 -23.82
N ARG A 52 7.09 -9.13 -24.36
CA ARG A 52 6.54 -10.23 -25.16
C ARG A 52 5.68 -11.17 -24.34
N ALA A 53 6.05 -11.39 -23.08
CA ALA A 53 5.26 -12.25 -22.21
C ALA A 53 3.89 -11.61 -22.01
N ALA A 54 3.87 -10.29 -21.84
CA ALA A 54 2.61 -9.56 -21.65
C ALA A 54 1.77 -9.61 -22.93
N LYS A 55 2.44 -9.41 -24.05
CA LYS A 55 1.83 -9.40 -25.39
C LYS A 55 1.04 -10.64 -25.75
N ARG A 56 1.59 -11.79 -25.44
CA ARG A 56 0.94 -13.06 -25.76
C ARG A 56 -0.31 -13.38 -24.94
N VAL A 57 -0.62 -12.60 -23.91
CA VAL A 57 -1.83 -12.89 -23.14
C VAL A 57 -3.01 -12.48 -24.04
N PRO A 58 -3.90 -13.44 -24.36
CA PRO A 58 -5.07 -13.19 -25.22
C PRO A 58 -5.89 -11.92 -25.00
N GLY A 59 -6.00 -11.10 -26.04
CA GLY A 59 -6.78 -9.87 -25.98
C GLY A 59 -6.24 -8.79 -25.04
N SER A 60 -4.95 -8.85 -24.75
CA SER A 60 -4.38 -7.88 -23.83
C SER A 60 -3.89 -6.60 -24.48
N VAL A 61 -3.82 -5.55 -23.68
CA VAL A 61 -3.27 -4.28 -24.13
C VAL A 61 -2.09 -4.13 -23.17
N VAL A 62 -0.91 -3.85 -23.71
CA VAL A 62 0.28 -3.74 -22.88
C VAL A 62 0.64 -2.31 -22.51
N VAL A 63 0.84 -2.09 -21.21
CA VAL A 63 1.24 -0.79 -20.71
C VAL A 63 2.66 -0.98 -20.17
N VAL A 64 3.60 -0.21 -20.67
CA VAL A 64 4.97 -0.29 -20.19
C VAL A 64 5.22 1.06 -19.52
N SER A 65 5.57 1.05 -18.24
CA SER A 65 5.85 2.30 -17.58
C SER A 65 7.36 2.47 -17.62
N ILE A 66 7.79 3.72 -17.80
CA ILE A 66 9.20 4.08 -17.83
C ILE A 66 9.32 5.22 -16.82
N PHE A 67 9.96 4.95 -15.70
CA PHE A 67 10.09 5.96 -14.65
C PHE A 67 11.32 5.66 -13.80
N VAL A 68 12.29 6.56 -13.81
CA VAL A 68 13.47 6.33 -13.00
C VAL A 68 13.08 6.80 -11.60
N ASN A 69 12.66 5.84 -10.79
CA ASN A 69 12.16 6.09 -9.43
C ASN A 69 13.19 6.60 -8.46
N PRO A 70 13.14 7.92 -8.12
CA PRO A 70 14.14 8.45 -7.19
C PRO A 70 14.13 7.77 -5.82
N MET A 71 12.96 7.31 -5.38
CA MET A 71 12.87 6.72 -4.05
C MET A 71 13.63 5.42 -3.82
N GLN A 72 13.95 4.69 -4.88
CA GLN A 72 14.66 3.43 -4.68
C GLN A 72 16.17 3.59 -4.83
N PHE A 73 16.62 4.83 -4.93
CA PHE A 73 18.04 5.11 -5.03
C PHE A 73 18.52 5.66 -3.70
N GLY A 74 19.70 5.24 -3.29
CA GLY A 74 20.26 5.71 -2.04
C GLY A 74 21.11 6.93 -2.33
N ALA A 75 21.54 7.63 -1.28
CA ALA A 75 22.37 8.81 -1.49
C ALA A 75 23.50 8.48 -2.44
N GLY A 76 24.00 9.51 -3.12
CA GLY A 76 25.08 9.30 -4.08
C GLY A 76 24.65 9.75 -5.46
N GLY A 77 25.49 9.46 -6.44
CA GLY A 77 25.17 9.84 -7.80
C GLY A 77 24.57 8.68 -8.55
N ASP A 78 24.03 7.72 -7.80
CA ASP A 78 23.42 6.56 -8.39
C ASP A 78 22.25 7.01 -9.26
N LEU A 79 21.43 7.90 -8.72
CA LEU A 79 20.28 8.41 -9.48
C LEU A 79 20.75 9.17 -10.72
N ASP A 80 21.72 10.06 -10.55
CA ASP A 80 22.19 10.82 -11.70
C ASP A 80 22.92 9.92 -12.70
N ALA A 81 23.53 8.86 -12.19
CA ALA A 81 24.27 7.92 -13.03
C ALA A 81 23.40 6.91 -13.78
N TYR A 82 22.15 6.74 -13.38
CA TYR A 82 21.30 5.77 -14.07
C TYR A 82 21.17 6.10 -15.55
N PRO A 83 21.38 5.10 -16.42
CA PRO A 83 21.28 5.33 -17.87
C PRO A 83 19.89 5.74 -18.34
N ARG A 84 19.85 6.72 -19.23
CA ARG A 84 18.60 7.20 -19.76
C ARG A 84 18.73 7.28 -21.28
N THR A 85 17.85 6.57 -21.98
CA THR A 85 17.83 6.54 -23.44
C THR A 85 16.37 6.46 -23.90
N PRO A 86 15.59 7.52 -23.65
CA PRO A 86 14.18 7.63 -24.00
C PRO A 86 13.84 7.30 -25.45
N ASP A 87 14.57 7.92 -26.37
CA ASP A 87 14.34 7.73 -27.80
C ASP A 87 14.42 6.29 -28.26
N ASP A 88 15.47 5.58 -27.86
CA ASP A 88 15.59 4.18 -28.23
C ASP A 88 14.45 3.41 -27.56
N ASP A 89 14.12 3.77 -26.33
CA ASP A 89 13.06 3.07 -25.61
C ASP A 89 11.73 3.04 -26.35
N LEU A 90 11.21 4.21 -26.69
CA LEU A 90 9.93 4.28 -27.39
C LEU A 90 9.97 3.61 -28.76
N ALA A 91 11.12 3.66 -29.42
CA ALA A 91 11.25 3.02 -30.73
C ALA A 91 11.12 1.52 -30.60
N GLN A 92 11.76 0.96 -29.58
CA GLN A 92 11.69 -0.47 -29.33
C GLN A 92 10.27 -0.89 -28.94
N LEU A 93 9.57 -0.03 -28.21
CA LEU A 93 8.20 -0.36 -27.81
C LEU A 93 7.30 -0.36 -29.03
N ARG A 94 7.52 0.61 -29.90
CA ARG A 94 6.74 0.72 -31.12
C ARG A 94 6.99 -0.54 -31.98
N ALA A 95 8.25 -0.96 -32.05
CA ALA A 95 8.62 -2.14 -32.82
C ALA A 95 8.05 -3.43 -32.21
N GLU A 96 7.75 -3.40 -30.91
CA GLU A 96 7.19 -4.58 -30.25
C GLU A 96 5.68 -4.60 -30.31
N GLY A 97 5.09 -3.54 -30.85
CA GLY A 97 3.65 -3.46 -30.95
C GLY A 97 2.97 -3.10 -29.63
N VAL A 98 3.71 -2.41 -28.74
CA VAL A 98 3.16 -1.98 -27.46
C VAL A 98 2.25 -0.79 -27.73
N GLU A 99 1.07 -0.79 -27.14
CA GLU A 99 0.12 0.29 -27.37
C GLU A 99 0.16 1.45 -26.37
N ILE A 100 0.71 1.20 -25.19
CA ILE A 100 0.79 2.27 -24.18
C ILE A 100 2.14 2.35 -23.46
N ALA A 101 2.70 3.56 -23.45
CA ALA A 101 3.92 3.84 -22.72
C ALA A 101 3.50 4.88 -21.67
N PHE A 102 3.78 4.62 -20.39
CA PHE A 102 3.43 5.56 -19.32
C PHE A 102 4.76 6.18 -18.81
N THR A 103 4.94 7.47 -19.06
CA THR A 103 6.18 8.16 -18.72
C THR A 103 5.93 9.35 -17.80
N PRO A 104 5.67 9.07 -16.51
CA PRO A 104 5.41 10.15 -15.56
C PRO A 104 6.60 10.97 -15.09
N THR A 105 6.31 12.16 -14.60
CA THR A 105 7.33 13.04 -14.07
C THR A 105 7.49 12.72 -12.59
N THR A 106 8.61 13.13 -12.00
CA THR A 106 8.82 12.91 -10.59
C THR A 106 7.78 13.68 -9.79
N ALA A 107 7.45 14.90 -10.26
CA ALA A 107 6.48 15.73 -9.57
C ALA A 107 5.09 15.10 -9.57
N ALA A 108 4.71 14.43 -10.67
CA ALA A 108 3.39 13.81 -10.72
C ALA A 108 3.31 12.59 -9.81
N MET A 109 4.45 11.90 -9.63
CA MET A 109 4.46 10.70 -8.79
C MET A 109 4.66 11.03 -7.31
N TYR A 110 5.44 12.06 -7.03
CA TYR A 110 5.74 12.47 -5.66
C TYR A 110 5.41 13.93 -5.40
N PRO A 111 4.14 14.35 -5.62
CA PRO A 111 3.78 15.75 -5.39
C PRO A 111 3.96 16.16 -3.94
N ASP A 112 3.88 15.19 -3.01
CA ASP A 112 4.02 15.50 -1.59
C ASP A 112 5.28 14.93 -0.98
N GLY A 113 6.26 14.66 -1.84
CA GLY A 113 7.51 14.09 -1.37
C GLY A 113 7.24 12.70 -0.83
N LEU A 114 8.05 12.29 0.14
CA LEU A 114 7.87 10.98 0.72
C LEU A 114 7.00 11.19 1.94
N ARG A 115 5.71 10.89 1.79
CA ARG A 115 4.77 11.03 2.91
C ARG A 115 4.31 9.62 3.28
N THR A 116 3.18 9.15 2.74
CA THR A 116 2.77 7.76 3.02
C THR A 116 3.64 6.85 2.14
N THR A 117 4.24 5.80 2.71
CA THR A 117 5.06 4.88 1.94
C THR A 117 4.82 3.43 2.36
N VAL A 118 5.40 2.51 1.59
CA VAL A 118 5.24 1.10 1.92
C VAL A 118 6.44 0.65 2.75
N GLN A 119 6.16 -0.06 3.84
CA GLN A 119 7.20 -0.61 4.68
C GLN A 119 7.30 -2.11 4.36
N PRO A 120 8.36 -2.54 3.68
CA PRO A 120 8.47 -3.97 3.36
C PRO A 120 8.71 -4.80 4.63
N GLY A 121 8.56 -6.12 4.50
CA GLY A 121 8.83 -6.99 5.63
C GLY A 121 10.35 -7.15 5.76
N PRO A 122 10.82 -8.00 6.69
CA PRO A 122 12.23 -8.29 6.97
C PRO A 122 13.14 -8.61 5.78
N LEU A 123 12.57 -9.22 4.74
CA LEU A 123 13.38 -9.59 3.55
C LEU A 123 14.08 -8.38 2.95
N ALA A 124 13.45 -7.21 3.04
CA ALA A 124 14.02 -5.99 2.47
C ALA A 124 15.36 -5.57 3.07
N ALA A 125 15.66 -6.03 4.27
CA ALA A 125 16.91 -5.67 4.94
C ALA A 125 18.06 -6.60 4.60
N GLU A 126 17.76 -7.68 3.90
CA GLU A 126 18.79 -8.66 3.57
C GLU A 126 19.21 -8.66 2.11
N LEU A 127 20.27 -9.42 1.82
CA LEU A 127 20.80 -9.53 0.47
C LEU A 127 21.03 -8.13 -0.10
N GLU A 128 20.34 -7.79 -1.18
CA GLU A 128 20.51 -6.45 -1.76
C GLU A 128 20.17 -5.33 -0.78
N GLY A 129 19.31 -5.63 0.19
CA GLY A 129 18.91 -4.64 1.18
C GLY A 129 19.98 -4.33 2.22
N GLY A 130 20.98 -5.20 2.32
CA GLY A 130 22.05 -4.99 3.29
C GLY A 130 22.75 -3.66 3.08
N PRO A 131 23.26 -3.41 1.87
CA PRO A 131 23.95 -2.16 1.55
C PRO A 131 23.00 -0.98 1.32
N ARG A 132 21.71 -1.28 1.13
CA ARG A 132 20.71 -0.24 0.87
C ARG A 132 19.42 -0.53 1.61
N PRO A 133 19.38 -0.19 2.91
CA PRO A 133 18.23 -0.41 3.78
C PRO A 133 16.92 0.19 3.28
N THR A 134 16.98 1.22 2.44
CA THR A 134 15.74 1.84 1.98
C THR A 134 15.37 1.54 0.52
N HIS A 135 16.20 0.76 -0.14
CA HIS A 135 15.96 0.43 -1.54
C HIS A 135 14.61 -0.20 -1.84
N PHE A 136 14.28 -1.31 -1.18
CA PHE A 136 13.01 -1.96 -1.47
C PHE A 136 11.74 -1.22 -1.04
N ALA A 137 11.84 -0.37 -0.02
CA ALA A 137 10.69 0.43 0.36
C ALA A 137 10.41 1.34 -0.86
N GLY A 138 11.46 1.80 -1.52
CA GLY A 138 11.27 2.65 -2.69
C GLY A 138 10.62 1.90 -3.85
N VAL A 139 11.06 0.67 -4.05
CA VAL A 139 10.53 -0.17 -5.11
C VAL A 139 9.05 -0.51 -4.86
N LEU A 140 8.74 -1.03 -3.66
CA LEU A 140 7.34 -1.39 -3.37
C LEU A 140 6.41 -0.18 -3.38
N THR A 141 6.88 0.97 -2.92
CA THR A 141 6.04 2.15 -2.91
C THR A 141 5.70 2.54 -4.34
N VAL A 142 6.70 2.60 -5.22
CA VAL A 142 6.37 2.98 -6.59
C VAL A 142 5.54 1.92 -7.33
N VAL A 143 5.78 0.64 -7.03
CA VAL A 143 5.03 -0.39 -7.72
C VAL A 143 3.58 -0.35 -7.25
N LEU A 144 3.38 -0.14 -5.95
CA LEU A 144 1.99 -0.07 -5.46
C LEU A 144 1.27 1.07 -6.20
N LYS A 145 1.93 2.21 -6.31
CA LYS A 145 1.34 3.36 -6.97
C LYS A 145 1.00 3.04 -8.44
N LEU A 146 1.96 2.44 -9.15
CA LEU A 146 1.78 2.08 -10.55
C LEU A 146 0.59 1.13 -10.69
N LEU A 147 0.49 0.18 -9.76
CA LEU A 147 -0.61 -0.77 -9.80
C LEU A 147 -1.98 -0.08 -9.56
N GLN A 148 -1.99 0.95 -8.72
CA GLN A 148 -3.23 1.66 -8.44
C GLN A 148 -3.60 2.56 -9.60
N ILE A 149 -2.59 3.11 -10.25
CA ILE A 149 -2.83 3.99 -11.41
C ILE A 149 -3.34 3.21 -12.62
N VAL A 150 -2.64 2.14 -12.96
CA VAL A 150 -2.95 1.35 -14.14
C VAL A 150 -3.98 0.24 -13.93
N ARG A 151 -4.07 -0.28 -12.70
CA ARG A 151 -5.00 -1.36 -12.39
C ARG A 151 -4.93 -2.49 -13.41
N PRO A 152 -3.73 -3.06 -13.61
CA PRO A 152 -3.57 -4.16 -14.56
C PRO A 152 -4.07 -5.48 -14.01
N ASP A 153 -4.39 -6.41 -14.90
CA ASP A 153 -4.81 -7.76 -14.51
C ASP A 153 -3.58 -8.56 -14.13
N ARG A 154 -2.47 -8.30 -14.81
CA ARG A 154 -1.21 -8.96 -14.53
C ARG A 154 -0.05 -7.96 -14.59
N VAL A 155 0.95 -8.18 -13.75
CA VAL A 155 2.13 -7.30 -13.75
C VAL A 155 3.33 -8.22 -13.92
N PHE A 156 4.29 -7.80 -14.75
CA PHE A 156 5.45 -8.61 -15.10
C PHE A 156 6.78 -8.12 -14.55
N PHE A 157 7.53 -9.04 -13.97
CA PHE A 157 8.85 -8.76 -13.41
C PHE A 157 9.85 -9.87 -13.79
N GLY A 158 11.11 -9.50 -13.99
CA GLY A 158 12.10 -10.49 -14.35
C GLY A 158 12.63 -11.30 -13.19
N GLU A 159 12.95 -12.56 -13.45
CA GLU A 159 13.51 -13.41 -12.40
C GLU A 159 14.92 -12.95 -12.04
N LYS A 160 15.54 -12.19 -12.94
CA LYS A 160 16.91 -11.70 -12.69
C LYS A 160 17.01 -11.01 -11.33
N ASP A 161 16.04 -10.16 -11.03
CA ASP A 161 15.99 -9.45 -9.76
C ASP A 161 15.00 -10.25 -8.92
N TYR A 162 15.45 -11.45 -8.56
CA TYR A 162 14.64 -12.40 -7.81
C TYR A 162 14.11 -11.89 -6.47
N GLN A 163 14.95 -11.23 -5.69
CA GLN A 163 14.50 -10.73 -4.39
C GLN A 163 13.42 -9.68 -4.60
N GLN A 164 13.58 -8.87 -5.63
CA GLN A 164 12.57 -7.86 -5.93
C GLN A 164 11.25 -8.54 -6.29
N LEU A 165 11.32 -9.61 -7.10
CA LEU A 165 10.12 -10.35 -7.52
C LEU A 165 9.42 -10.92 -6.28
N VAL A 166 10.18 -11.51 -5.37
CA VAL A 166 9.60 -12.10 -4.18
C VAL A 166 8.93 -11.01 -3.34
N LEU A 167 9.58 -9.86 -3.21
CA LEU A 167 8.98 -8.77 -2.43
C LEU A 167 7.70 -8.25 -3.07
N ILE A 168 7.64 -8.23 -4.41
CA ILE A 168 6.42 -7.78 -5.07
C ILE A 168 5.33 -8.81 -4.79
N ARG A 169 5.66 -10.10 -4.79
CA ARG A 169 4.64 -11.10 -4.49
C ARG A 169 4.14 -10.87 -3.06
N GLN A 170 5.04 -10.49 -2.16
CA GLN A 170 4.66 -10.24 -0.77
C GLN A 170 3.74 -9.03 -0.71
N LEU A 171 4.09 -7.97 -1.44
CA LEU A 171 3.27 -6.77 -1.47
C LEU A 171 1.85 -7.11 -1.96
N VAL A 172 1.77 -7.86 -3.03
CA VAL A 172 0.47 -8.20 -3.61
C VAL A 172 -0.34 -9.04 -2.62
N ALA A 173 0.28 -10.07 -2.06
CA ALA A 173 -0.42 -10.91 -1.07
C ALA A 173 -0.84 -10.12 0.20
N ASP A 174 0.13 -9.43 0.80
CA ASP A 174 -0.08 -8.66 2.03
C ASP A 174 -1.10 -7.53 2.00
N PHE A 175 -1.27 -6.90 0.84
CA PHE A 175 -2.24 -5.82 0.71
C PHE A 175 -3.48 -6.27 -0.09
N ASN A 176 -3.58 -7.59 -0.34
CA ASN A 176 -4.77 -8.10 -1.06
C ASN A 176 -4.99 -7.48 -2.44
N LEU A 177 -3.90 -7.17 -3.14
CA LEU A 177 -4.00 -6.57 -4.46
C LEU A 177 -4.57 -7.57 -5.46
N ASP A 178 -5.53 -7.10 -6.25
CA ASP A 178 -6.18 -7.96 -7.23
C ASP A 178 -5.41 -7.93 -8.54
N VAL A 179 -4.23 -8.53 -8.55
CA VAL A 179 -3.38 -8.58 -9.74
C VAL A 179 -2.53 -9.83 -9.67
N ALA A 180 -2.26 -10.43 -10.83
CA ALA A 180 -1.43 -11.62 -10.87
C ALA A 180 -0.01 -11.17 -11.14
N VAL A 181 0.95 -11.66 -10.34
CA VAL A 181 2.34 -11.32 -10.53
C VAL A 181 2.96 -12.42 -11.39
N VAL A 182 3.51 -12.04 -12.53
CA VAL A 182 4.13 -12.99 -13.45
C VAL A 182 5.62 -12.81 -13.48
N GLY A 183 6.35 -13.84 -13.04
CA GLY A 183 7.80 -13.80 -13.09
C GLY A 183 8.24 -14.29 -14.45
N VAL A 184 9.20 -13.60 -15.06
CA VAL A 184 9.71 -13.95 -16.38
C VAL A 184 11.18 -14.41 -16.32
N PRO A 185 11.51 -15.56 -16.94
CA PRO A 185 12.88 -16.09 -16.94
C PRO A 185 13.94 -15.09 -17.40
N THR A 186 15.10 -15.15 -16.78
CA THR A 186 16.19 -14.24 -17.11
C THR A 186 16.73 -14.42 -18.53
N VAL A 187 16.86 -13.29 -19.24
CA VAL A 187 17.41 -13.31 -20.59
C VAL A 187 18.92 -13.18 -20.47
N ARG A 188 19.66 -14.01 -21.19
CA ARG A 188 21.13 -14.00 -21.10
C ARG A 188 21.86 -13.83 -22.43
N GLU A 189 23.08 -13.30 -22.38
CA GLU A 189 23.87 -13.13 -23.59
C GLU A 189 24.29 -14.54 -24.00
N ALA A 190 24.91 -14.67 -25.17
CA ALA A 190 25.35 -15.98 -25.66
C ALA A 190 26.18 -16.80 -24.67
N ASP A 191 27.05 -16.15 -23.92
CA ASP A 191 27.89 -16.88 -22.96
C ASP A 191 27.27 -17.13 -21.58
N GLY A 192 26.04 -16.64 -21.38
CA GLY A 192 25.37 -16.84 -20.10
C GLY A 192 25.15 -15.57 -19.27
N LEU A 193 25.90 -14.50 -19.55
CA LEU A 193 25.78 -13.26 -18.78
C LEU A 193 24.36 -12.73 -18.74
N ALA A 194 23.82 -12.55 -17.55
CA ALA A 194 22.45 -12.02 -17.44
C ALA A 194 22.43 -10.61 -18.00
N MET A 195 21.53 -10.33 -18.92
CA MET A 195 21.47 -8.98 -19.46
C MET A 195 21.06 -7.98 -18.39
N SER A 196 21.68 -6.82 -18.43
CA SER A 196 21.43 -5.81 -17.42
C SER A 196 21.95 -4.50 -17.99
N SER A 197 21.27 -3.40 -17.69
CA SER A 197 21.73 -2.12 -18.19
C SER A 197 23.09 -1.77 -17.60
N ARG A 198 23.38 -2.29 -16.42
CA ARG A 198 24.68 -2.00 -15.81
C ARG A 198 25.86 -2.69 -16.53
N ASN A 199 25.55 -3.64 -17.41
CA ASN A 199 26.59 -4.35 -18.14
C ASN A 199 27.39 -3.40 -19.02
N ARG A 200 26.78 -2.27 -19.36
CA ARG A 200 27.45 -1.28 -20.21
C ARG A 200 28.67 -0.69 -19.48
N TYR A 201 28.75 -0.89 -18.18
CA TYR A 201 29.87 -0.35 -17.41
C TYR A 201 31.05 -1.32 -17.29
N LEU A 202 30.93 -2.48 -17.92
CA LEU A 202 32.00 -3.48 -17.90
C LEU A 202 32.89 -3.25 -19.11
N ASP A 203 34.18 -3.06 -18.89
CA ASP A 203 35.08 -2.87 -20.02
C ASP A 203 35.37 -4.26 -20.60
N PRO A 204 36.15 -4.35 -21.69
CA PRO A 204 36.46 -5.65 -22.31
C PRO A 204 36.91 -6.78 -21.38
N ALA A 205 37.84 -6.47 -20.48
CA ALA A 205 38.35 -7.44 -19.53
C ALA A 205 37.27 -7.90 -18.56
N GLN A 206 36.59 -6.92 -17.95
CA GLN A 206 35.52 -7.19 -16.99
C GLN A 206 34.39 -7.97 -17.65
N ARG A 207 34.04 -7.62 -18.88
CA ARG A 207 32.98 -8.34 -19.56
C ARG A 207 33.39 -9.80 -19.68
N ALA A 208 34.65 -10.04 -19.98
CA ALA A 208 35.13 -11.41 -20.13
C ALA A 208 35.02 -12.17 -18.81
N ALA A 209 35.46 -11.54 -17.72
CA ALA A 209 35.42 -12.19 -16.41
C ALA A 209 34.02 -12.37 -15.84
N ALA A 210 33.10 -11.48 -16.23
CA ALA A 210 31.73 -11.53 -15.71
C ALA A 210 30.97 -12.82 -16.03
N VAL A 211 31.42 -13.57 -17.03
CA VAL A 211 30.75 -14.81 -17.38
C VAL A 211 30.81 -15.76 -16.17
N ALA A 212 31.74 -15.49 -15.27
CA ALA A 212 31.89 -16.33 -14.09
C ALA A 212 30.65 -16.46 -13.20
N LEU A 213 29.83 -15.41 -13.11
CA LEU A 213 28.65 -15.49 -12.27
C LEU A 213 27.69 -16.57 -12.74
N SER A 214 27.33 -16.51 -14.02
CA SER A 214 26.39 -17.47 -14.58
C SER A 214 27.02 -18.87 -14.69
N ALA A 215 28.32 -18.93 -14.97
CA ALA A 215 28.99 -20.23 -15.07
C ALA A 215 29.00 -20.89 -13.69
N ALA A 216 29.21 -20.08 -12.66
CA ALA A 216 29.24 -20.55 -11.28
C ALA A 216 27.86 -21.07 -10.87
N LEU A 217 26.83 -20.31 -11.20
CA LEU A 217 25.47 -20.71 -10.86
C LEU A 217 25.08 -22.02 -11.54
N THR A 218 25.30 -22.11 -12.85
CA THR A 218 24.95 -23.32 -13.59
C THR A 218 25.77 -24.52 -13.15
N ALA A 219 27.03 -24.29 -12.80
CA ALA A 219 27.85 -25.40 -12.30
C ALA A 219 27.22 -25.88 -11.00
N ALA A 220 26.87 -24.94 -10.13
CA ALA A 220 26.25 -25.30 -8.85
C ALA A 220 24.93 -26.06 -9.07
N ALA A 221 24.13 -25.61 -10.03
CA ALA A 221 22.84 -26.28 -10.27
C ALA A 221 23.05 -27.75 -10.65
N HIS A 222 24.12 -28.06 -11.37
CA HIS A 222 24.35 -29.45 -11.74
C HIS A 222 25.08 -30.25 -10.67
N ALA A 223 25.93 -29.58 -9.89
CA ALA A 223 26.65 -30.25 -8.81
C ALA A 223 25.69 -30.61 -7.66
N ALA A 224 24.56 -29.91 -7.61
CA ALA A 224 23.54 -30.07 -6.57
C ALA A 224 23.03 -31.49 -6.36
N THR A 225 23.29 -32.38 -7.30
CA THR A 225 22.84 -33.78 -7.12
C THR A 225 23.62 -34.35 -5.93
N ALA A 226 24.79 -33.79 -5.69
CA ALA A 226 25.66 -34.24 -4.62
C ALA A 226 25.42 -33.49 -3.30
N GLY A 227 24.44 -32.59 -3.28
CA GLY A 227 24.13 -31.86 -2.06
C GLY A 227 24.45 -30.38 -2.07
N ALA A 228 23.98 -29.68 -1.04
CA ALA A 228 24.19 -28.23 -0.95
C ALA A 228 25.65 -27.80 -0.85
N GLN A 229 26.45 -28.52 -0.06
CA GLN A 229 27.85 -28.16 0.08
C GLN A 229 28.57 -28.26 -1.28
N ALA A 230 28.29 -29.34 -2.00
CA ALA A 230 28.89 -29.56 -3.31
C ALA A 230 28.52 -28.43 -4.25
N ALA A 231 27.25 -28.03 -4.20
CA ALA A 231 26.75 -26.96 -5.07
C ALA A 231 27.43 -25.62 -4.80
N LEU A 232 27.46 -25.23 -3.53
CA LEU A 232 28.07 -23.98 -3.12
C LEU A 232 29.57 -23.99 -3.39
N ASP A 233 30.24 -25.09 -3.09
CA ASP A 233 31.69 -25.19 -3.32
C ASP A 233 32.02 -25.11 -4.82
N ALA A 234 31.20 -25.71 -5.68
CA ALA A 234 31.44 -25.63 -7.12
C ALA A 234 31.34 -24.17 -7.58
N ALA A 235 30.28 -23.46 -7.16
CA ALA A 235 30.12 -22.06 -7.54
C ALA A 235 31.28 -21.21 -7.04
N ARG A 236 31.70 -21.45 -5.81
CA ARG A 236 32.80 -20.69 -5.22
C ARG A 236 34.09 -20.87 -6.02
N ALA A 237 34.35 -22.11 -6.43
CA ALA A 237 35.56 -22.40 -7.18
C ALA A 237 35.59 -21.62 -8.48
N VAL A 238 34.46 -21.56 -9.18
CA VAL A 238 34.37 -20.84 -10.44
C VAL A 238 34.59 -19.34 -10.18
N LEU A 239 33.93 -18.80 -9.16
CA LEU A 239 34.08 -17.38 -8.84
C LEU A 239 35.51 -17.09 -8.42
N ASP A 240 36.10 -17.97 -7.60
CA ASP A 240 37.48 -17.80 -7.14
C ASP A 240 38.51 -17.87 -8.26
N ALA A 241 38.16 -18.51 -9.38
CA ALA A 241 39.07 -18.62 -10.51
C ALA A 241 38.89 -17.46 -11.47
N ALA A 242 37.92 -16.58 -11.17
CA ALA A 242 37.62 -15.43 -12.02
C ALA A 242 38.45 -14.21 -11.67
N PRO A 243 39.14 -13.64 -12.67
CA PRO A 243 39.97 -12.47 -12.44
C PRO A 243 39.19 -11.19 -12.18
N GLY A 244 39.50 -10.55 -11.06
CA GLY A 244 38.86 -9.29 -10.73
C GLY A 244 37.41 -9.35 -10.35
N VAL A 245 36.99 -10.49 -9.82
CA VAL A 245 35.60 -10.63 -9.38
C VAL A 245 35.59 -10.69 -7.85
N ALA A 246 35.00 -9.69 -7.21
CA ALA A 246 34.92 -9.67 -5.76
C ALA A 246 33.50 -10.03 -5.33
N VAL A 247 33.35 -11.19 -4.72
CA VAL A 247 32.03 -11.62 -4.29
C VAL A 247 31.51 -10.88 -3.06
N ASP A 248 30.28 -10.39 -3.16
CA ASP A 248 29.59 -9.69 -2.07
C ASP A 248 28.93 -10.79 -1.26
N TYR A 249 28.10 -11.58 -1.94
CA TYR A 249 27.42 -12.70 -1.30
C TYR A 249 27.12 -13.81 -2.30
N LEU A 250 27.03 -15.03 -1.77
CA LEU A 250 26.68 -16.19 -2.57
C LEU A 250 25.86 -16.99 -1.58
N GLU A 251 24.55 -16.97 -1.76
CA GLU A 251 23.67 -17.67 -0.82
C GLU A 251 22.64 -18.56 -1.44
N LEU A 252 22.40 -19.67 -0.76
CA LEU A 252 21.43 -20.65 -1.20
C LEU A 252 20.26 -20.52 -0.23
N ARG A 253 19.08 -20.21 -0.75
CA ARG A 253 17.91 -20.02 0.11
C ARG A 253 16.67 -20.72 -0.40
N ASP A 254 15.67 -20.83 0.48
CA ASP A 254 14.41 -21.41 0.07
C ASP A 254 13.87 -20.46 -1.01
N ILE A 255 12.96 -20.93 -1.86
CA ILE A 255 12.44 -20.10 -2.95
C ILE A 255 11.72 -18.82 -2.54
N GLY A 256 11.17 -18.78 -1.33
CA GLY A 256 10.50 -17.58 -0.88
C GLY A 256 11.47 -16.64 -0.17
N LEU A 257 12.73 -17.05 -0.05
CA LEU A 257 13.80 -16.27 0.60
C LEU A 257 13.46 -15.90 2.03
N GLY A 258 12.38 -16.47 2.55
CA GLY A 258 11.93 -16.13 3.90
C GLY A 258 12.42 -16.99 5.06
N PRO A 259 11.73 -16.89 6.22
CA PRO A 259 12.04 -17.61 7.46
C PRO A 259 11.81 -19.11 7.34
N MET A 260 12.32 -19.68 6.24
CA MET A 260 12.18 -21.11 5.96
C MET A 260 13.52 -21.73 5.56
N PRO A 261 13.84 -22.91 6.11
CA PRO A 261 15.11 -23.56 5.77
C PRO A 261 15.05 -24.09 4.34
N LEU A 262 16.22 -24.34 3.76
CA LEU A 262 16.28 -24.88 2.42
C LEU A 262 15.88 -26.35 2.50
N ASN A 263 14.84 -26.74 1.76
CA ASN A 263 14.41 -28.13 1.74
C ASN A 263 14.10 -28.58 0.31
N GLY A 264 15.10 -29.15 -0.35
CA GLY A 264 14.89 -29.65 -1.70
C GLY A 264 15.00 -28.63 -2.83
N SER A 265 14.05 -27.69 -2.90
CA SER A 265 14.07 -26.67 -3.95
C SER A 265 14.54 -25.35 -3.39
N GLY A 266 15.31 -24.62 -4.18
CA GLY A 266 15.80 -23.37 -3.67
C GLY A 266 16.25 -22.43 -4.76
N ARG A 267 16.86 -21.34 -4.33
CA ARG A 267 17.38 -20.37 -5.26
C ARG A 267 18.79 -20.08 -4.78
N LEU A 268 19.73 -20.05 -5.72
CA LEU A 268 21.12 -19.72 -5.40
C LEU A 268 21.28 -18.31 -5.95
N LEU A 269 21.67 -17.36 -5.09
CA LEU A 269 21.84 -15.97 -5.52
C LEU A 269 23.26 -15.48 -5.31
N VAL A 270 23.73 -14.68 -6.27
CA VAL A 270 25.07 -14.15 -6.17
C VAL A 270 25.08 -12.67 -6.53
N ALA A 271 25.98 -11.92 -5.91
CA ALA A 271 26.18 -10.51 -6.17
C ALA A 271 27.69 -10.33 -6.10
N ALA A 272 28.28 -9.70 -7.10
CA ALA A 272 29.73 -9.52 -7.10
C ALA A 272 30.11 -8.22 -7.77
N ARG A 273 31.25 -7.69 -7.38
CA ARG A 273 31.73 -6.45 -7.96
C ARG A 273 32.85 -6.68 -8.95
N LEU A 274 32.73 -6.06 -10.12
CA LEU A 274 33.76 -6.09 -11.13
C LEU A 274 34.11 -4.62 -11.26
N GLY A 275 35.20 -4.21 -10.61
CA GLY A 275 35.57 -2.80 -10.64
C GLY A 275 34.51 -2.10 -9.80
N THR A 276 33.84 -1.09 -10.37
CA THR A 276 32.80 -0.38 -9.61
C THR A 276 31.40 -0.92 -9.95
N THR A 277 31.34 -1.86 -10.87
CA THR A 277 30.06 -2.44 -11.29
C THR A 277 29.62 -3.68 -10.51
N ARG A 278 28.51 -3.55 -9.80
CA ARG A 278 27.96 -4.65 -8.99
C ARG A 278 26.96 -5.44 -9.83
N LEU A 279 27.27 -6.71 -10.09
CA LEU A 279 26.40 -7.56 -10.89
C LEU A 279 25.66 -8.58 -10.02
N LEU A 280 24.46 -8.95 -10.45
CA LEU A 280 23.65 -9.93 -9.73
C LEU A 280 23.20 -11.01 -10.68
N ASP A 281 22.94 -12.19 -10.13
CA ASP A 281 22.43 -13.29 -10.92
C ASP A 281 21.88 -14.31 -9.92
N ASN A 282 21.01 -15.19 -10.39
CA ASN A 282 20.45 -16.20 -9.49
C ASN A 282 19.96 -17.33 -10.36
N ILE A 283 19.74 -18.49 -9.76
CA ILE A 283 19.28 -19.62 -10.54
C ILE A 283 18.50 -20.56 -9.62
N ALA A 284 17.59 -21.33 -10.22
CA ALA A 284 16.81 -22.31 -9.48
C ALA A 284 17.77 -23.44 -9.17
N ILE A 285 17.63 -24.01 -7.97
CA ILE A 285 18.48 -25.12 -7.53
C ILE A 285 17.56 -26.22 -6.96
N GLU A 286 17.84 -27.47 -7.31
CA GLU A 286 17.11 -28.61 -6.76
C GLU A 286 18.20 -29.47 -6.11
N ILE A 287 18.07 -29.74 -4.83
CA ILE A 287 19.08 -30.54 -4.13
C ILE A 287 18.79 -32.03 -4.27
N GLY A 288 19.79 -32.82 -4.64
CA GLY A 288 19.63 -34.26 -4.79
C GLY A 288 18.75 -34.69 -5.95
N THR A 289 18.70 -33.88 -6.99
CA THR A 289 17.88 -34.17 -8.16
C THR A 289 18.70 -34.11 -9.46
N PHE A 290 18.67 -35.22 -10.21
CA PHE A 290 19.41 -35.34 -11.46
C PHE A 290 18.47 -35.13 -12.66
N ALA A 291 18.22 -33.87 -13.00
CA ALA A 291 17.34 -33.54 -14.11
C ALA A 291 17.63 -32.17 -14.70
N ALA B 2 -17.20 -19.75 -9.70
CA ALA B 2 -18.60 -19.57 -9.23
C ALA B 2 -18.69 -18.50 -8.13
N ILE B 3 -19.39 -17.40 -8.44
CA ILE B 3 -19.55 -16.32 -7.48
C ILE B 3 -20.41 -16.74 -6.28
N PRO B 4 -19.96 -16.40 -5.05
CA PRO B 4 -20.73 -16.77 -3.86
C PRO B 4 -22.16 -16.23 -3.93
N ALA B 5 -23.05 -16.82 -3.16
CA ALA B 5 -24.46 -16.40 -3.19
C ALA B 5 -24.69 -15.02 -2.56
N PHE B 6 -25.54 -14.22 -3.20
CA PHE B 6 -25.89 -12.89 -2.70
C PHE B 6 -27.39 -12.67 -2.79
N HIS B 7 -28.05 -12.55 -1.65
CA HIS B 7 -29.50 -12.34 -1.61
C HIS B 7 -29.84 -10.88 -1.43
N PRO B 8 -30.31 -10.23 -2.50
CA PRO B 8 -30.67 -8.82 -2.44
C PRO B 8 -31.71 -8.53 -1.36
N GLY B 9 -31.59 -7.38 -0.72
CA GLY B 9 -32.54 -6.99 0.32
C GLY B 9 -32.32 -7.68 1.65
N GLU B 10 -31.43 -8.65 1.68
CA GLU B 10 -31.13 -9.37 2.91
C GLU B 10 -29.72 -9.05 3.37
N LEU B 11 -29.43 -9.27 4.65
CA LEU B 11 -28.07 -9.05 5.14
C LEU B 11 -27.30 -10.32 4.79
N ASN B 12 -26.29 -10.17 3.94
CA ASN B 12 -25.45 -11.27 3.50
C ASN B 12 -24.13 -11.16 4.25
N VAL B 13 -23.77 -12.18 5.03
CA VAL B 13 -22.54 -12.15 5.80
C VAL B 13 -21.46 -13.03 5.21
N TYR B 14 -20.27 -12.44 5.03
CA TYR B 14 -19.15 -13.18 4.50
C TYR B 14 -17.95 -12.98 5.39
N SER B 15 -17.22 -14.05 5.66
CA SER B 15 -16.04 -13.97 6.50
C SER B 15 -14.77 -14.09 5.66
N ALA B 16 -14.86 -14.76 4.51
CA ALA B 16 -13.68 -14.94 3.65
C ALA B 16 -13.44 -13.73 2.77
N PRO B 17 -12.23 -13.18 2.81
CA PRO B 17 -11.91 -12.00 1.98
C PRO B 17 -12.25 -12.25 0.51
N GLY B 18 -11.89 -13.43 0.01
CA GLY B 18 -12.17 -13.74 -1.38
C GLY B 18 -13.65 -13.72 -1.70
N ASP B 19 -14.49 -14.14 -0.76
CA ASP B 19 -15.93 -14.15 -1.02
C ASP B 19 -16.50 -12.74 -1.16
N VAL B 20 -16.18 -11.86 -0.22
CA VAL B 20 -16.74 -10.50 -0.33
C VAL B 20 -16.13 -9.82 -1.56
N ALA B 21 -14.90 -10.18 -1.90
CA ALA B 21 -14.21 -9.61 -3.05
C ALA B 21 -14.97 -9.98 -4.33
N ASP B 22 -15.30 -11.27 -4.46
CA ASP B 22 -16.02 -11.76 -5.63
C ASP B 22 -17.42 -11.16 -5.73
N VAL B 23 -18.13 -11.11 -4.61
CA VAL B 23 -19.48 -10.55 -4.60
C VAL B 23 -19.47 -9.07 -4.94
N SER B 24 -18.53 -8.33 -4.38
CA SER B 24 -18.43 -6.90 -4.63
C SER B 24 -18.19 -6.65 -6.11
N ARG B 25 -17.25 -7.39 -6.70
CA ARG B 25 -16.92 -7.25 -8.10
C ARG B 25 -18.14 -7.57 -8.97
N ALA B 26 -18.82 -8.65 -8.64
CA ALA B 26 -20.02 -9.06 -9.40
C ALA B 26 -21.07 -7.96 -9.32
N LEU B 27 -21.34 -7.46 -8.11
CA LEU B 27 -22.35 -6.41 -7.95
C LEU B 27 -22.01 -5.11 -8.68
N ARG B 28 -20.75 -4.71 -8.65
CA ARG B 28 -20.33 -3.48 -9.32
C ARG B 28 -20.66 -3.58 -10.80
N LEU B 29 -20.52 -4.78 -11.36
CA LEU B 29 -20.81 -5.01 -12.76
C LEU B 29 -22.31 -4.92 -13.05
N THR B 30 -23.14 -5.21 -12.05
CA THR B 30 -24.58 -5.13 -12.23
C THR B 30 -25.13 -3.72 -12.10
N GLY B 31 -24.24 -2.74 -11.98
CA GLY B 31 -24.69 -1.37 -11.87
C GLY B 31 -24.97 -0.90 -10.46
N ARG B 32 -24.21 -1.41 -9.49
CA ARG B 32 -24.37 -0.98 -8.11
C ARG B 32 -23.10 -0.23 -7.78
N ARG B 33 -23.20 0.71 -6.85
CA ARG B 33 -22.03 1.47 -6.40
C ARG B 33 -21.75 0.94 -5.01
N VAL B 34 -20.58 0.34 -4.84
CA VAL B 34 -20.19 -0.26 -3.57
C VAL B 34 -19.71 0.77 -2.57
N MET B 35 -20.36 0.80 -1.41
CA MET B 35 -20.01 1.74 -0.35
C MET B 35 -19.40 0.92 0.79
N LEU B 36 -18.29 1.37 1.36
CA LEU B 36 -17.64 0.65 2.44
C LEU B 36 -17.64 1.46 3.73
N VAL B 37 -18.05 0.83 4.82
CA VAL B 37 -18.08 1.48 6.12
C VAL B 37 -17.27 0.57 7.03
N PRO B 38 -15.99 0.92 7.28
CA PRO B 38 -15.15 0.09 8.14
C PRO B 38 -15.45 0.31 9.62
N THR B 39 -15.63 -0.78 10.36
CA THR B 39 -15.90 -0.69 11.81
C THR B 39 -15.22 -1.82 12.56
N MET B 40 -15.27 -1.73 13.89
CA MET B 40 -14.73 -2.76 14.75
C MET B 40 -15.88 -3.33 15.59
N GLY B 41 -17.09 -3.20 15.06
CA GLY B 41 -18.26 -3.73 15.76
C GLY B 41 -18.71 -2.91 16.95
N ALA B 42 -19.58 -3.50 17.78
CA ALA B 42 -20.13 -2.80 18.94
C ALA B 42 -20.75 -1.52 18.40
N LEU B 43 -21.58 -1.68 17.38
CA LEU B 43 -22.22 -0.54 16.71
C LEU B 43 -23.19 0.31 17.51
N HIS B 44 -23.06 1.62 17.36
CA HIS B 44 -23.98 2.56 18.02
C HIS B 44 -24.43 3.60 16.99
N GLU B 45 -25.26 4.55 17.43
CA GLU B 45 -25.80 5.58 16.55
C GLU B 45 -24.75 6.27 15.70
N GLY B 46 -23.54 6.42 16.23
CA GLY B 46 -22.49 7.05 15.47
C GLY B 46 -22.19 6.22 14.22
N HIS B 47 -22.05 4.91 14.39
CA HIS B 47 -21.77 4.04 13.24
C HIS B 47 -22.93 4.07 12.27
N LEU B 48 -24.16 4.15 12.81
CA LEU B 48 -25.35 4.14 11.95
C LEU B 48 -25.42 5.36 11.05
N ALA B 49 -24.85 6.47 11.51
CA ALA B 49 -24.84 7.68 10.69
C ALA B 49 -23.98 7.43 9.46
N LEU B 50 -22.87 6.70 9.63
CA LEU B 50 -22.01 6.36 8.48
C LEU B 50 -22.79 5.45 7.53
N VAL B 51 -23.47 4.45 8.09
CA VAL B 51 -24.26 3.53 7.28
C VAL B 51 -25.33 4.27 6.49
N ARG B 52 -26.04 5.18 7.15
CA ARG B 52 -27.09 5.92 6.45
C ARG B 52 -26.53 6.83 5.37
N ALA B 53 -25.32 7.34 5.59
CA ALA B 53 -24.67 8.19 4.60
C ALA B 53 -24.38 7.35 3.36
N ALA B 54 -23.93 6.12 3.57
CA ALA B 54 -23.62 5.24 2.45
C ALA B 54 -24.90 4.81 1.72
N LYS B 55 -25.92 4.48 2.50
CA LYS B 55 -27.18 4.03 1.91
C LYS B 55 -27.86 5.02 0.98
N ARG B 56 -27.78 6.31 1.30
CA ARG B 56 -28.43 7.31 0.46
C ARG B 56 -27.83 7.56 -0.92
N VAL B 57 -26.68 6.98 -1.21
CA VAL B 57 -26.09 7.16 -2.53
C VAL B 57 -26.89 6.30 -3.53
N PRO B 58 -27.37 6.91 -4.63
CA PRO B 58 -28.14 6.10 -5.58
C PRO B 58 -27.41 4.86 -6.10
N GLY B 59 -28.10 3.72 -6.10
CA GLY B 59 -27.52 2.47 -6.58
C GLY B 59 -26.59 1.80 -5.58
N SER B 60 -26.52 2.37 -4.39
CA SER B 60 -25.63 1.85 -3.38
C SER B 60 -25.92 0.43 -2.90
N VAL B 61 -24.85 -0.29 -2.64
CA VAL B 61 -24.95 -1.59 -1.97
C VAL B 61 -23.92 -1.29 -0.86
N VAL B 62 -24.37 -1.41 0.39
CA VAL B 62 -23.52 -1.09 1.52
C VAL B 62 -22.79 -2.28 2.12
N VAL B 63 -21.48 -2.15 2.22
CA VAL B 63 -20.64 -3.17 2.82
C VAL B 63 -20.15 -2.63 4.17
N VAL B 64 -20.49 -3.29 5.25
CA VAL B 64 -20.01 -2.85 6.55
C VAL B 64 -19.02 -3.91 7.03
N SER B 65 -17.77 -3.52 7.21
CA SER B 65 -16.79 -4.49 7.69
C SER B 65 -16.77 -4.42 9.21
N ILE B 66 -16.62 -5.58 9.85
CA ILE B 66 -16.55 -5.65 11.31
C ILE B 66 -15.31 -6.47 11.55
N PHE B 67 -14.25 -5.80 12.02
CA PHE B 67 -12.97 -6.47 12.25
C PHE B 67 -12.17 -5.74 13.30
N VAL B 68 -11.93 -6.41 14.42
CA VAL B 68 -11.12 -5.80 15.46
C VAL B 68 -9.71 -6.00 15.00
N ASN B 69 -9.11 -4.92 14.52
CA ASN B 69 -7.77 -4.92 13.96
C ASN B 69 -6.68 -4.91 15.04
N PRO B 70 -5.97 -6.03 15.21
CA PRO B 70 -4.91 -6.11 16.23
C PRO B 70 -3.76 -5.14 16.04
N MET B 71 -3.47 -4.82 14.78
CA MET B 71 -2.36 -3.94 14.47
C MET B 71 -2.53 -2.51 14.97
N GLN B 72 -3.76 -2.07 15.19
CA GLN B 72 -3.96 -0.70 15.68
C GLN B 72 -4.09 -0.60 17.19
N PHE B 73 -3.92 -1.73 17.86
CA PHE B 73 -3.96 -1.71 19.32
C PHE B 73 -2.53 -1.59 19.84
N GLY B 74 -2.36 -0.79 20.88
CA GLY B 74 -1.04 -0.59 21.45
C GLY B 74 -0.46 -1.88 22.01
N ALA B 75 0.86 -1.90 22.20
CA ALA B 75 1.53 -3.07 22.74
C ALA B 75 1.06 -3.33 24.17
N LEU B 79 -6.57 -5.80 23.38
CA LEU B 79 -7.16 -6.47 22.23
C LEU B 79 -8.29 -7.40 22.65
N ASP B 80 -8.01 -8.25 23.64
CA ASP B 80 -8.99 -9.21 24.15
C ASP B 80 -10.17 -8.52 24.86
N ALA B 81 -9.89 -7.41 25.53
CA ALA B 81 -10.92 -6.68 26.28
C ALA B 81 -11.95 -5.99 25.40
N TYR B 82 -11.58 -5.69 24.16
CA TYR B 82 -12.49 -5.01 23.25
C TYR B 82 -13.86 -5.70 23.20
N PRO B 83 -14.94 -4.92 23.33
CA PRO B 83 -16.30 -5.47 23.31
C PRO B 83 -16.67 -6.12 21.97
N ARG B 84 -17.39 -7.24 22.07
CA ARG B 84 -17.81 -7.98 20.88
C ARG B 84 -19.24 -8.48 21.03
N THR B 85 -20.13 -7.93 20.21
CA THR B 85 -21.55 -8.30 20.20
C THR B 85 -21.97 -8.59 18.75
N PRO B 86 -21.52 -9.73 18.21
CA PRO B 86 -21.82 -10.16 16.84
C PRO B 86 -23.30 -10.12 16.46
N ASP B 87 -24.12 -10.84 17.22
CA ASP B 87 -25.55 -10.92 16.97
C ASP B 87 -26.25 -9.57 16.97
N ASP B 88 -26.00 -8.76 18.00
CA ASP B 88 -26.64 -7.45 18.09
C ASP B 88 -26.19 -6.53 16.96
N ASP B 89 -24.90 -6.56 16.64
CA ASP B 89 -24.39 -5.72 15.56
C ASP B 89 -25.11 -6.08 14.28
N LEU B 90 -25.13 -7.38 13.98
CA LEU B 90 -25.76 -7.82 12.76
C LEU B 90 -27.25 -7.45 12.73
N ALA B 91 -27.88 -7.43 13.89
CA ALA B 91 -29.29 -7.07 13.96
C ALA B 91 -29.49 -5.60 13.56
N GLN B 92 -28.59 -4.75 14.01
CA GLN B 92 -28.70 -3.33 13.68
C GLN B 92 -28.49 -3.11 12.18
N LEU B 93 -27.57 -3.85 11.60
CA LEU B 93 -27.30 -3.71 10.17
C LEU B 93 -28.51 -4.15 9.35
N ARG B 94 -29.13 -5.24 9.79
CA ARG B 94 -30.30 -5.79 9.12
C ARG B 94 -31.41 -4.74 9.23
N ALA B 95 -31.54 -4.10 10.39
CA ALA B 95 -32.58 -3.08 10.58
C ALA B 95 -32.33 -1.82 9.74
N GLU B 96 -31.07 -1.61 9.35
CA GLU B 96 -30.70 -0.45 8.54
C GLU B 96 -30.82 -0.74 7.05
N GLY B 97 -31.02 -2.01 6.71
CA GLY B 97 -31.14 -2.39 5.31
C GLY B 97 -29.80 -2.63 4.64
N VAL B 98 -28.78 -2.87 5.44
CA VAL B 98 -27.44 -3.14 4.92
C VAL B 98 -27.46 -4.53 4.33
N GLU B 99 -26.95 -4.68 3.10
CA GLU B 99 -26.93 -5.98 2.44
C GLU B 99 -25.67 -6.82 2.58
N ILE B 100 -24.56 -6.20 3.01
CA ILE B 100 -23.34 -6.97 3.18
C ILE B 100 -22.56 -6.63 4.44
N ALA B 101 -22.24 -7.67 5.20
CA ALA B 101 -21.42 -7.54 6.42
C ALA B 101 -20.19 -8.40 6.14
N PHE B 102 -19.01 -7.84 6.32
CA PHE B 102 -17.76 -8.57 6.09
C PHE B 102 -17.12 -8.76 7.46
N THR B 103 -17.08 -10.00 7.90
CA THR B 103 -16.58 -10.36 9.22
C THR B 103 -15.41 -11.34 9.18
N PRO B 104 -14.23 -10.90 8.73
CA PRO B 104 -13.08 -11.78 8.67
C PRO B 104 -12.42 -12.04 10.02
N THR B 105 -11.63 -13.11 10.09
CA THR B 105 -10.90 -13.44 11.29
C THR B 105 -9.54 -12.79 11.13
N THR B 106 -8.80 -12.68 12.23
CA THR B 106 -7.46 -12.09 12.18
C THR B 106 -6.56 -12.90 11.26
N ALA B 107 -6.69 -14.22 11.33
CA ALA B 107 -5.87 -15.11 10.51
C ALA B 107 -6.13 -14.89 9.02
N ALA B 108 -7.38 -14.60 8.68
CA ALA B 108 -7.75 -14.37 7.28
C ALA B 108 -7.20 -13.03 6.78
N MET B 109 -7.12 -12.04 7.66
CA MET B 109 -6.61 -10.74 7.26
C MET B 109 -5.09 -10.70 7.26
N TYR B 110 -4.50 -11.38 8.23
CA TYR B 110 -3.05 -11.42 8.37
C TYR B 110 -2.52 -12.86 8.31
N PRO B 111 -2.75 -13.55 7.17
CA PRO B 111 -2.29 -14.94 7.02
C PRO B 111 -0.77 -15.13 7.14
N ASP B 112 -0.02 -14.04 7.06
CA ASP B 112 1.43 -14.11 7.15
C ASP B 112 1.95 -13.21 8.26
N GLY B 113 1.11 -12.91 9.24
CA GLY B 113 1.53 -12.03 10.33
C GLY B 113 1.68 -10.62 9.77
N LEU B 114 2.46 -9.78 10.43
CA LEU B 114 2.68 -8.42 9.94
C LEU B 114 3.92 -8.49 9.08
N ARG B 115 3.76 -8.35 7.77
CA ARG B 115 4.94 -8.42 6.92
C ARG B 115 5.05 -7.08 6.22
N THR B 116 4.44 -6.95 5.04
CA THR B 116 4.44 -5.66 4.33
C THR B 116 3.40 -4.79 5.05
N THR B 117 3.76 -3.56 5.39
CA THR B 117 2.80 -2.68 6.08
C THR B 117 2.84 -1.25 5.53
N VAL B 118 1.89 -0.42 5.94
CA VAL B 118 1.87 0.95 5.47
C VAL B 118 2.59 1.82 6.49
N GLN B 119 3.50 2.66 6.00
CA GLN B 119 4.23 3.59 6.85
C GLN B 119 3.58 4.97 6.62
N PRO B 120 2.86 5.50 7.63
CA PRO B 120 2.24 6.81 7.44
C PRO B 120 3.25 7.93 7.38
N GLY B 121 2.81 9.09 6.89
CA GLY B 121 3.66 10.27 6.89
C GLY B 121 3.80 10.73 8.34
N PRO B 122 4.60 11.79 8.59
CA PRO B 122 4.85 12.34 9.94
C PRO B 122 3.65 12.79 10.77
N LEU B 123 2.51 13.05 10.14
CA LEU B 123 1.33 13.47 10.90
C LEU B 123 0.94 12.35 11.87
N ALA B 124 1.27 11.12 11.51
CA ALA B 124 0.93 9.96 12.36
C ALA B 124 1.63 9.94 13.71
N ALA B 125 2.70 10.73 13.86
CA ALA B 125 3.43 10.78 15.13
C ALA B 125 2.93 11.89 16.05
N GLU B 126 2.08 12.76 15.53
CA GLU B 126 1.57 13.88 16.33
C GLU B 126 0.20 13.58 16.93
N LEU B 127 -0.26 14.50 17.80
CA LEU B 127 -1.57 14.40 18.42
C LEU B 127 -1.82 13.01 19.01
N GLU B 128 -2.76 12.25 18.44
CA GLU B 128 -3.04 10.89 18.92
C GLU B 128 -1.82 9.96 18.81
N GLY B 129 -0.92 10.30 17.91
CA GLY B 129 0.29 9.51 17.69
C GLY B 129 1.32 9.68 18.79
N GLY B 130 1.09 10.65 19.68
CA GLY B 130 2.01 10.87 20.78
C GLY B 130 2.01 9.66 21.69
N PRO B 131 0.87 9.34 22.32
CA PRO B 131 0.69 8.19 23.22
C PRO B 131 0.73 6.84 22.47
N ARG B 132 0.25 6.84 21.23
CA ARG B 132 0.22 5.60 20.45
C ARG B 132 0.92 5.79 19.11
N PRO B 133 2.26 5.76 19.13
CA PRO B 133 3.10 5.93 17.94
C PRO B 133 2.93 4.96 16.76
N THR B 134 2.35 3.79 17.02
CA THR B 134 2.17 2.84 15.94
C THR B 134 0.70 2.64 15.57
N HIS B 135 -0.18 3.38 16.24
CA HIS B 135 -1.60 3.26 16.00
C HIS B 135 -1.99 3.49 14.54
N PHE B 136 -1.57 4.62 13.97
CA PHE B 136 -1.99 4.89 12.61
C PHE B 136 -1.42 4.00 11.53
N ALA B 137 -0.24 3.43 11.74
CA ALA B 137 0.31 2.49 10.76
C ALA B 137 -0.69 1.31 10.72
N GLY B 138 -1.18 0.92 11.91
CA GLY B 138 -2.15 -0.17 11.97
C GLY B 138 -3.44 0.16 11.23
N VAL B 139 -3.96 1.36 11.48
CA VAL B 139 -5.17 1.82 10.83
C VAL B 139 -5.00 1.88 9.29
N LEU B 140 -3.97 2.58 8.81
CA LEU B 140 -3.78 2.68 7.36
C LEU B 140 -3.53 1.31 6.69
N THR B 141 -2.82 0.44 7.36
CA THR B 141 -2.56 -0.89 6.78
C THR B 141 -3.87 -1.65 6.62
N VAL B 142 -4.70 -1.68 7.66
CA VAL B 142 -5.96 -2.44 7.55
C VAL B 142 -6.94 -1.78 6.59
N VAL B 143 -6.93 -0.44 6.52
CA VAL B 143 -7.85 0.24 5.62
C VAL B 143 -7.43 0.01 4.17
N LEU B 144 -6.12 0.01 3.90
CA LEU B 144 -5.64 -0.25 2.53
C LEU B 144 -6.13 -1.65 2.12
N LYS B 145 -5.93 -2.61 2.99
CA LYS B 145 -6.36 -3.99 2.71
C LYS B 145 -7.87 -4.08 2.43
N LEU B 146 -8.67 -3.40 3.25
CA LEU B 146 -10.11 -3.44 3.09
C LEU B 146 -10.50 -2.80 1.78
N LEU B 147 -9.80 -1.73 1.40
CA LEU B 147 -10.07 -1.06 0.13
C LEU B 147 -9.74 -1.97 -1.06
N GLN B 148 -8.69 -2.76 -0.93
CA GLN B 148 -8.29 -3.65 -2.01
C GLN B 148 -9.22 -4.87 -2.10
N ILE B 149 -9.71 -5.33 -0.94
CA ILE B 149 -10.61 -6.48 -0.91
C ILE B 149 -11.99 -6.13 -1.48
N VAL B 150 -12.55 -5.04 -0.97
CA VAL B 150 -13.88 -4.59 -1.35
C VAL B 150 -13.96 -3.72 -2.59
N ARG B 151 -12.93 -2.93 -2.85
CA ARG B 151 -12.90 -2.06 -4.02
C ARG B 151 -14.17 -1.21 -4.07
N PRO B 152 -14.42 -0.43 -3.01
CA PRO B 152 -15.61 0.43 -2.97
C PRO B 152 -15.43 1.70 -3.79
N ASP B 153 -16.54 2.30 -4.17
CA ASP B 153 -16.52 3.56 -4.92
C ASP B 153 -16.29 4.67 -3.91
N ARG B 154 -16.83 4.50 -2.70
CA ARG B 154 -16.65 5.49 -1.64
C ARG B 154 -16.48 4.76 -0.32
N VAL B 155 -15.68 5.36 0.57
CA VAL B 155 -15.45 4.77 1.90
C VAL B 155 -15.78 5.85 2.95
N PHE B 156 -16.46 5.45 4.02
CA PHE B 156 -16.94 6.37 5.04
C PHE B 156 -16.28 6.28 6.40
N PHE B 157 -15.90 7.44 6.94
CA PHE B 157 -15.27 7.53 8.26
C PHE B 157 -15.87 8.71 9.01
N GLY B 158 -15.93 8.62 10.33
CA GLY B 158 -16.52 9.70 11.08
C GLY B 158 -15.55 10.82 11.35
N GLU B 159 -16.05 12.06 11.37
CA GLU B 159 -15.19 13.20 11.65
C GLU B 159 -14.69 13.20 13.08
N LYS B 160 -15.34 12.43 13.94
CA LYS B 160 -14.91 12.38 15.34
C LYS B 160 -13.42 12.04 15.40
N ASP B 161 -12.98 11.10 14.57
CA ASP B 161 -11.55 10.76 14.56
C ASP B 161 -10.98 11.51 13.38
N TYR B 162 -10.90 12.83 13.54
CA TYR B 162 -10.45 13.68 12.43
C TYR B 162 -9.06 13.37 11.89
N GLN B 163 -8.09 13.14 12.78
CA GLN B 163 -6.73 12.84 12.38
C GLN B 163 -6.70 11.54 11.58
N GLN B 164 -7.50 10.56 12.02
CA GLN B 164 -7.62 9.31 11.27
C GLN B 164 -8.14 9.62 9.86
N LEU B 165 -9.22 10.39 9.78
CA LEU B 165 -9.80 10.76 8.48
C LEU B 165 -8.75 11.45 7.59
N VAL B 166 -8.04 12.43 8.13
CA VAL B 166 -7.01 13.13 7.34
C VAL B 166 -5.91 12.16 6.83
N LEU B 167 -5.43 11.28 7.69
CA LEU B 167 -4.41 10.31 7.29
C LEU B 167 -4.92 9.37 6.22
N ILE B 168 -6.21 9.01 6.26
CA ILE B 168 -6.74 8.13 5.21
C ILE B 168 -6.80 8.93 3.90
N ARG B 169 -7.11 10.21 3.97
CA ARG B 169 -7.11 11.04 2.75
C ARG B 169 -5.68 11.06 2.21
N GLN B 170 -4.69 11.12 3.10
CA GLN B 170 -3.30 11.11 2.67
C GLN B 170 -2.96 9.76 2.01
N LEU B 171 -3.39 8.66 2.63
CA LEU B 171 -3.18 7.31 2.08
C LEU B 171 -3.69 7.26 0.62
N VAL B 172 -4.94 7.66 0.45
CA VAL B 172 -5.61 7.63 -0.86
C VAL B 172 -4.90 8.47 -1.92
N ALA B 173 -4.50 9.67 -1.56
CA ALA B 173 -3.80 10.53 -2.51
C ALA B 173 -2.40 9.98 -2.83
N ASP B 174 -1.67 9.61 -1.79
CA ASP B 174 -0.31 9.13 -1.92
C ASP B 174 -0.14 7.84 -2.68
N PHE B 175 -1.11 6.95 -2.56
CA PHE B 175 -1.03 5.66 -3.25
C PHE B 175 -1.92 5.64 -4.49
N ASN B 176 -2.45 6.80 -4.89
CA ASN B 176 -3.26 6.90 -6.10
C ASN B 176 -4.47 5.97 -6.08
N LEU B 177 -5.08 5.84 -4.90
CA LEU B 177 -6.24 4.95 -4.76
C LEU B 177 -7.46 5.55 -5.43
N ASP B 178 -8.21 4.71 -6.13
CA ASP B 178 -9.39 5.19 -6.83
C ASP B 178 -10.66 4.98 -5.99
N VAL B 179 -10.81 5.79 -4.95
CA VAL B 179 -11.96 5.70 -4.07
C VAL B 179 -12.15 7.10 -3.50
N ALA B 180 -13.40 7.48 -3.25
CA ALA B 180 -13.70 8.77 -2.66
C ALA B 180 -13.81 8.57 -1.14
N VAL B 181 -13.14 9.43 -0.38
CA VAL B 181 -13.20 9.32 1.08
C VAL B 181 -14.26 10.30 1.54
N VAL B 182 -15.23 9.80 2.31
CA VAL B 182 -16.32 10.65 2.79
C VAL B 182 -16.26 10.75 4.30
N GLY B 183 -16.20 11.98 4.78
CA GLY B 183 -16.17 12.24 6.20
C GLY B 183 -17.61 12.48 6.64
N VAL B 184 -18.02 11.85 7.74
CA VAL B 184 -19.38 12.00 8.22
C VAL B 184 -19.37 12.74 9.55
N PRO B 185 -20.24 13.77 9.69
CA PRO B 185 -20.33 14.59 10.92
C PRO B 185 -20.52 13.75 12.18
N THR B 186 -19.88 14.19 13.24
CA THR B 186 -19.95 13.49 14.51
C THR B 186 -21.35 13.49 15.11
N VAL B 187 -21.79 12.30 15.51
CA VAL B 187 -23.10 12.13 16.14
C VAL B 187 -22.83 12.38 17.62
N ARG B 188 -23.70 13.18 18.25
CA ARG B 188 -23.52 13.55 19.64
C ARG B 188 -24.72 13.27 20.53
N GLU B 189 -24.45 13.09 21.81
CA GLU B 189 -25.53 12.88 22.79
C GLU B 189 -26.24 14.23 22.92
N ALA B 190 -27.35 14.23 23.64
CA ALA B 190 -28.14 15.44 23.82
C ALA B 190 -27.39 16.66 24.31
N ASP B 191 -26.39 16.44 25.16
CA ASP B 191 -25.64 17.56 25.71
C ASP B 191 -24.38 17.94 24.94
N GLY B 192 -24.15 17.25 23.81
CA GLY B 192 -22.99 17.55 23.00
C GLY B 192 -21.87 16.53 22.99
N LEU B 193 -21.84 15.65 24.00
CA LEU B 193 -20.77 14.66 24.06
C LEU B 193 -20.74 13.78 22.81
N ALA B 194 -19.58 13.69 22.19
CA ALA B 194 -19.42 12.85 20.99
C ALA B 194 -19.72 11.40 21.38
N MET B 195 -20.62 10.73 20.63
CA MET B 195 -20.92 9.34 20.98
C MET B 195 -19.71 8.46 20.78
N SER B 196 -19.50 7.55 21.74
CA SER B 196 -18.37 6.65 21.68
C SER B 196 -18.71 5.50 22.62
N SER B 197 -18.28 4.30 22.27
CA SER B 197 -18.57 3.13 23.09
C SER B 197 -17.92 3.30 24.47
N ARG B 198 -16.78 3.98 24.52
CA ARG B 198 -16.09 4.18 25.78
C ARG B 198 -16.77 5.13 26.77
N ASN B 199 -17.82 5.84 26.34
CA ASN B 199 -18.52 6.75 27.23
C ASN B 199 -19.18 6.03 28.40
N ARG B 200 -19.53 4.76 28.20
CA ARG B 200 -20.21 3.97 29.22
C ARG B 200 -19.36 3.79 30.46
N TYR B 201 -18.04 3.92 30.29
CA TYR B 201 -17.09 3.76 31.38
C TYR B 201 -17.08 4.93 32.35
N LEU B 202 -17.53 6.10 31.90
CA LEU B 202 -17.55 7.29 32.75
C LEU B 202 -18.55 7.19 33.87
N ASP B 203 -18.12 7.45 35.09
CA ASP B 203 -19.06 7.46 36.19
C ASP B 203 -19.81 8.78 36.11
N PRO B 204 -20.83 8.99 36.96
CA PRO B 204 -21.62 10.23 36.96
C PRO B 204 -20.86 11.57 36.93
N ALA B 205 -19.88 11.74 37.83
CA ALA B 205 -19.13 12.99 37.87
C ALA B 205 -18.29 13.13 36.61
N GLN B 206 -17.74 12.03 36.12
CA GLN B 206 -16.93 12.08 34.90
C GLN B 206 -17.78 12.39 33.69
N ARG B 207 -18.95 11.75 33.61
CA ARG B 207 -19.85 11.98 32.50
C ARG B 207 -20.35 13.42 32.47
N ALA B 208 -20.54 14.00 33.65
CA ALA B 208 -20.99 15.40 33.73
C ALA B 208 -19.85 16.33 33.30
N ALA B 209 -18.63 16.03 33.74
CA ALA B 209 -17.47 16.85 33.39
C ALA B 209 -17.09 16.72 31.91
N ALA B 210 -17.42 15.56 31.32
CA ALA B 210 -17.05 15.28 29.92
C ALA B 210 -17.70 16.20 28.89
N VAL B 211 -18.81 16.84 29.28
CA VAL B 211 -19.50 17.77 28.38
C VAL B 211 -18.57 18.93 28.06
N ALA B 212 -17.57 19.13 28.90
CA ALA B 212 -16.61 20.22 28.69
C ALA B 212 -15.86 20.17 27.36
N LEU B 213 -15.61 18.97 26.81
CA LEU B 213 -14.88 18.92 25.55
C LEU B 213 -15.69 19.56 24.42
N SER B 214 -16.92 19.12 24.25
CA SER B 214 -17.74 19.68 23.19
C SER B 214 -18.14 21.14 23.46
N ALA B 215 -18.39 21.48 24.72
CA ALA B 215 -18.76 22.85 25.07
C ALA B 215 -17.59 23.79 24.79
N ALA B 216 -16.38 23.30 25.04
CA ALA B 216 -15.18 24.10 24.82
C ALA B 216 -14.99 24.33 23.30
N LEU B 217 -15.22 23.29 22.51
CA LEU B 217 -15.07 23.41 21.07
C LEU B 217 -16.10 24.34 20.43
N THR B 218 -17.36 24.21 20.82
CA THR B 218 -18.40 25.08 20.27
C THR B 218 -18.20 26.51 20.72
N ALA B 219 -17.71 26.69 21.95
CA ALA B 219 -17.47 28.04 22.45
C ALA B 219 -16.37 28.67 21.59
N ALA B 220 -15.32 27.90 21.33
CA ALA B 220 -14.20 28.38 20.52
C ALA B 220 -14.65 28.74 19.12
N ALA B 221 -15.51 27.91 18.53
CA ALA B 221 -15.99 28.17 17.16
C ALA B 221 -16.71 29.51 17.07
N HIS B 222 -17.45 29.87 18.11
CA HIS B 222 -18.15 31.13 18.09
C HIS B 222 -17.29 32.29 18.53
N ALA B 223 -16.29 32.00 19.35
CA ALA B 223 -15.38 33.04 19.81
C ALA B 223 -14.45 33.45 18.66
N ALA B 224 -14.33 32.57 17.67
CA ALA B 224 -13.41 32.74 16.54
C ALA B 224 -13.53 34.01 15.71
N THR B 225 -14.66 34.70 15.81
CA THR B 225 -14.81 35.95 15.08
C THR B 225 -13.80 36.94 15.63
N ALA B 226 -13.35 36.68 16.85
CA ALA B 226 -12.39 37.56 17.51
C ALA B 226 -10.92 37.13 17.29
N GLY B 227 -10.72 36.07 16.50
CA GLY B 227 -9.36 35.63 16.24
C GLY B 227 -9.01 34.26 16.80
N ALA B 228 -7.87 33.73 16.36
CA ALA B 228 -7.42 32.42 16.79
C ALA B 228 -7.11 32.33 18.28
N GLN B 229 -6.46 33.36 18.81
CA GLN B 229 -6.11 33.33 20.22
C GLN B 229 -7.38 33.36 21.08
N ALA B 230 -8.36 34.15 20.65
CA ALA B 230 -9.61 34.26 21.39
C ALA B 230 -10.33 32.91 21.41
N ALA B 231 -10.24 32.18 20.30
CA ALA B 231 -10.89 30.88 20.18
C ALA B 231 -10.24 29.90 21.12
N LEU B 232 -8.91 29.88 21.07
CA LEU B 232 -8.15 28.97 21.92
C LEU B 232 -8.37 29.26 23.39
N ASP B 233 -8.32 30.54 23.77
CA ASP B 233 -8.48 30.92 25.18
C ASP B 233 -9.88 30.57 25.69
N ALA B 234 -10.89 30.73 24.84
CA ALA B 234 -12.26 30.41 25.23
C ALA B 234 -12.37 28.89 25.50
N ALA B 235 -11.81 28.06 24.61
CA ALA B 235 -11.87 26.62 24.80
C ALA B 235 -11.13 26.21 26.08
N ARG B 236 -9.98 26.81 26.31
CA ARG B 236 -9.20 26.47 27.51
C ARG B 236 -9.96 26.84 28.78
N ALA B 237 -10.65 27.98 28.76
CA ALA B 237 -11.40 28.41 29.93
C ALA B 237 -12.50 27.39 30.26
N VAL B 238 -13.17 26.88 29.23
CA VAL B 238 -14.22 25.90 29.45
C VAL B 238 -13.64 24.61 30.05
N LEU B 239 -12.53 24.12 29.48
CA LEU B 239 -11.89 22.91 29.99
C LEU B 239 -11.37 23.21 31.40
N ASP B 240 -10.92 24.44 31.63
CA ASP B 240 -10.42 24.82 32.98
C ASP B 240 -11.54 24.88 34.02
N ALA B 241 -12.80 24.96 33.57
CA ALA B 241 -13.94 25.05 34.50
C ALA B 241 -14.44 23.66 34.92
N ALA B 242 -13.82 22.62 34.39
CA ALA B 242 -14.23 21.25 34.70
C ALA B 242 -13.27 20.51 35.61
N PRO B 243 -13.81 19.70 36.54
CA PRO B 243 -12.93 18.95 37.44
C PRO B 243 -12.59 17.57 36.83
N GLY B 244 -11.40 17.07 37.16
CA GLY B 244 -10.99 15.75 36.71
C GLY B 244 -10.84 15.54 35.21
N VAL B 245 -10.53 16.60 34.48
CA VAL B 245 -10.35 16.52 33.03
C VAL B 245 -8.89 16.90 32.73
N ALA B 246 -8.08 15.86 32.51
CA ALA B 246 -6.66 16.05 32.25
C ALA B 246 -6.47 16.22 30.75
N VAL B 247 -6.29 17.47 30.32
CA VAL B 247 -6.14 17.71 28.89
C VAL B 247 -4.78 17.28 28.35
N ASP B 248 -4.79 16.44 27.32
CA ASP B 248 -3.52 16.01 26.73
C ASP B 248 -3.10 17.02 25.66
N TYR B 249 -4.06 17.51 24.89
CA TYR B 249 -3.76 18.54 23.90
C TYR B 249 -5.02 19.29 23.49
N LEU B 250 -4.83 20.52 23.03
CA LEU B 250 -5.91 21.37 22.54
C LEU B 250 -5.14 22.15 21.47
N GLU B 251 -5.40 21.83 20.21
CA GLU B 251 -4.65 22.43 19.12
C GLU B 251 -5.51 22.88 17.96
N LEU B 252 -5.18 24.04 17.40
CA LEU B 252 -5.89 24.59 16.25
C LEU B 252 -4.94 24.38 15.05
N ARG B 253 -5.42 23.71 14.01
CA ARG B 253 -4.59 23.42 12.83
C ARG B 253 -5.38 23.76 11.57
N ASP B 254 -4.74 23.70 10.41
CA ASP B 254 -5.51 23.98 9.19
C ASP B 254 -6.30 22.70 8.95
N ILE B 255 -7.14 22.65 7.92
CA ILE B 255 -7.98 21.48 7.76
C ILE B 255 -7.27 20.17 7.40
N GLY B 256 -6.02 20.28 6.96
CA GLY B 256 -5.24 19.09 6.63
C GLY B 256 -4.31 18.77 7.78
N LEU B 257 -4.50 19.49 8.88
CA LEU B 257 -3.76 19.35 10.13
C LEU B 257 -2.33 19.88 10.10
N GLY B 258 -2.08 20.79 9.15
CA GLY B 258 -0.78 21.43 9.09
C GLY B 258 -0.92 22.66 9.97
N PRO B 259 0.02 23.62 9.93
CA PRO B 259 -0.10 24.80 10.79
C PRO B 259 -1.31 25.66 10.42
N MET B 260 -1.98 26.20 11.42
CA MET B 260 -3.16 27.05 11.19
C MET B 260 -2.76 28.33 10.45
N PRO B 261 -3.47 28.65 9.36
CA PRO B 261 -3.20 29.86 8.57
C PRO B 261 -3.56 31.11 9.38
N LEU B 262 -3.08 32.26 8.93
CA LEU B 262 -3.37 33.52 9.62
C LEU B 262 -4.87 33.66 9.85
N ASN B 263 -5.64 33.33 8.82
CA ASN B 263 -7.09 33.37 8.86
C ASN B 263 -7.59 32.28 7.93
N GLY B 264 -8.89 32.08 7.89
CA GLY B 264 -9.44 31.04 7.03
C GLY B 264 -9.96 29.86 7.82
N SER B 265 -10.17 28.74 7.13
CA SER B 265 -10.70 27.55 7.77
C SER B 265 -9.66 26.79 8.57
N GLY B 266 -10.11 26.13 9.64
CA GLY B 266 -9.18 25.36 10.43
C GLY B 266 -9.96 24.29 11.18
N ARG B 267 -9.27 23.57 12.04
CA ARG B 267 -9.88 22.53 12.84
C ARG B 267 -9.29 22.63 14.22
N LEU B 268 -10.14 22.59 15.24
CA LEU B 268 -9.67 22.64 16.62
C LEU B 268 -9.89 21.25 17.19
N LEU B 269 -8.81 20.65 17.72
CA LEU B 269 -8.87 19.30 18.25
C LEU B 269 -8.49 19.23 19.71
N VAL B 270 -9.17 18.38 20.46
CA VAL B 270 -8.87 18.23 21.88
C VAL B 270 -8.90 16.75 22.26
N ALA B 271 -8.10 16.42 23.26
CA ALA B 271 -8.06 15.06 23.80
C ALA B 271 -7.83 15.23 25.30
N ALA B 272 -8.54 14.43 26.10
CA ALA B 272 -8.41 14.53 27.57
C ALA B 272 -8.68 13.20 28.22
N ARG B 273 -8.11 13.03 29.41
CA ARG B 273 -8.28 11.81 30.19
C ARG B 273 -9.17 12.07 31.40
N LEU B 274 -10.21 11.27 31.58
CA LEU B 274 -11.09 11.41 32.73
C LEU B 274 -10.97 10.07 33.41
N GLY B 275 -10.17 10.02 34.47
CA GLY B 275 -9.96 8.76 35.15
C GLY B 275 -9.11 7.95 34.19
N THR B 276 -9.54 6.75 33.86
CA THR B 276 -8.76 5.91 32.94
C THR B 276 -9.33 5.97 31.52
N THR B 277 -10.34 6.81 31.30
CA THR B 277 -10.97 6.92 29.99
C THR B 277 -10.46 8.13 29.19
N ARG B 278 -9.97 7.90 27.96
CA ARG B 278 -9.47 8.99 27.12
C ARG B 278 -10.53 9.37 26.10
N LEU B 279 -10.85 10.66 26.05
CA LEU B 279 -11.88 11.15 25.15
C LEU B 279 -11.29 12.12 24.13
N LEU B 280 -11.87 12.13 22.94
CA LEU B 280 -11.38 13.08 21.94
C LEU B 280 -12.56 13.75 21.25
N ASP B 281 -12.30 14.93 20.66
CA ASP B 281 -13.37 15.62 19.95
C ASP B 281 -12.66 16.68 19.11
N ASN B 282 -13.38 17.25 18.16
CA ASN B 282 -12.79 18.26 17.28
C ASN B 282 -13.93 18.99 16.58
N ILE B 283 -13.64 20.17 16.04
CA ILE B 283 -14.69 20.95 15.39
C ILE B 283 -14.09 21.87 14.34
N ALA B 284 -14.91 22.18 13.33
CA ALA B 284 -14.51 23.12 12.28
C ALA B 284 -14.44 24.50 12.92
N ILE B 285 -13.45 25.29 12.51
CA ILE B 285 -13.26 26.64 13.03
C ILE B 285 -13.05 27.57 11.83
N GLU B 286 -13.67 28.74 11.84
CA GLU B 286 -13.45 29.70 10.77
C GLU B 286 -12.90 30.92 11.49
N ILE B 287 -11.65 31.27 11.22
CA ILE B 287 -11.02 32.38 11.92
C ILE B 287 -11.36 33.74 11.34
N GLY B 288 -12.15 34.49 12.11
CA GLY B 288 -12.59 35.81 11.69
C GLY B 288 -14.10 35.79 11.52
#